data_2Z3H
#
_entry.id   2Z3H
#
_cell.length_a   54.300
_cell.length_b   69.275
_cell.length_c   146.535
_cell.angle_alpha   90.00
_cell.angle_beta   90.00
_cell.angle_gamma   90.00
#
_symmetry.space_group_name_H-M   'P 21 21 21'
#
loop_
_entity.id
_entity.type
_entity.pdbx_description
1 polymer 'Blasticidin-S deaminase'
2 non-polymer 'ZINC ION'
3 non-polymer 1-(4-{[(3R)-3-AMINO-5-{[(Z)-AMINO(IMINO)METHYL](METHYL)AMINO}PENTANOYL]AMINO}-2,3,4-TRIDEOXY-D-ERYTHRO-HEX-2-ENOPYRANURONOSYL)-4-HYDROXYPYRIMIDIN-2(1H)-ONE
4 water water
#
_entity_poly.entity_id   1
_entity_poly.type   'polypeptide(L)'
_entity_poly.pdbx_seq_one_letter_code
;MPLSQEESTLIERATATINSIPISEDYSVASAALSSDGRIFTGVNVYHFTGGPCAELVVLGTAAAAAAGNLTCIVAIGNE
NRGILSPCGRCRQVLLDLHPGIKAIVKDSDGQPTAVGIRELLPSGYVWEG
;
_entity_poly.pdbx_strand_id   A,B,C,D
#
loop_
_chem_comp.id
_chem_comp.type
_chem_comp.name
_chem_comp.formula
BLO non-polymer 1-(4-{[(3R)-3-AMINO-5-{[(Z)-AMINO(IMINO)METHYL](METHYL)AMINO}PENTANOYL]AMINO}-2,3,4-TRIDEOXY-D-ERYTHRO-HEX-2-ENOPYRANURONOSYL)-4-HYDROXYPYRIMIDIN-2(1H)-ONE 'C17 H25 N7 O6'
ZN non-polymer 'ZINC ION' 'Zn 2'
#
# COMPACT_ATOMS: atom_id res chain seq x y z
N LEU A 3 16.59 13.00 25.10
CA LEU A 3 17.19 12.58 23.80
C LEU A 3 18.66 12.96 23.73
N SER A 4 19.41 12.20 22.93
CA SER A 4 20.78 12.57 22.59
C SER A 4 20.79 13.84 21.73
N GLN A 5 21.94 14.51 21.65
CA GLN A 5 22.12 15.69 20.82
C GLN A 5 21.75 15.42 19.35
N GLU A 6 22.25 14.30 18.82
CA GLU A 6 21.97 13.90 17.44
C GLU A 6 20.48 13.68 17.19
N GLU A 7 19.82 13.04 18.14
CA GLU A 7 18.38 12.78 18.05
C GLU A 7 17.58 14.09 18.03
N SER A 8 17.97 15.03 18.88
CA SER A 8 17.37 16.37 18.88
C SER A 8 17.52 17.09 17.54
N THR A 9 18.67 16.90 16.89
CA THR A 9 18.93 17.49 15.59
C THR A 9 17.94 16.96 14.54
N LEU A 10 17.58 15.68 14.63
CA LEU A 10 16.56 15.11 13.74
C LEU A 10 15.24 15.86 13.83
N ILE A 11 14.81 16.16 15.06
CA ILE A 11 13.58 16.94 15.24
C ILE A 11 13.68 18.30 14.56
N GLU A 12 14.81 18.98 14.77
CA GLU A 12 15.05 20.28 14.12
C GLU A 12 15.01 20.19 12.60
N ARG A 13 15.68 19.19 12.06
CA ARG A 13 15.77 19.02 10.60
C ARG A 13 14.40 18.72 9.97
N ALA A 14 13.66 17.80 10.58
CA ALA A 14 12.36 17.44 10.02
C ALA A 14 11.39 18.61 10.16
N THR A 15 11.48 19.33 11.28
CA THR A 15 10.66 20.52 11.47
C THR A 15 10.94 21.59 10.42
N ALA A 16 12.21 21.87 10.19
CA ALA A 16 12.60 22.85 9.18
C ALA A 16 12.12 22.43 7.79
N THR A 17 12.22 21.14 7.49
CA THR A 17 11.80 20.62 6.20
C THR A 17 10.29 20.87 5.96
N ILE A 18 9.44 20.44 6.89
CA ILE A 18 8.00 20.62 6.66
C ILE A 18 7.58 22.10 6.67
N ASN A 19 8.21 22.89 7.54
CA ASN A 19 7.92 24.32 7.62
C ASN A 19 8.31 25.08 6.36
N SER A 20 9.22 24.50 5.56
CA SER A 20 9.78 25.20 4.40
C SER A 20 8.96 25.09 3.12
N ILE A 21 8.03 24.13 3.08
CA ILE A 21 7.29 23.88 1.84
C ILE A 21 5.87 24.44 1.89
N PRO A 22 5.29 24.73 0.70
CA PRO A 22 3.90 25.19 0.68
C PRO A 22 2.97 24.27 1.46
N ILE A 23 2.06 24.83 2.25
CA ILE A 23 1.05 24.05 2.95
C ILE A 23 0.25 23.24 1.92
N SER A 24 0.16 21.93 2.15
CA SER A 24 -0.41 21.02 1.18
C SER A 24 -1.13 19.86 1.88
N GLU A 25 -2.20 19.37 1.27
CA GLU A 25 -2.90 18.17 1.75
C GLU A 25 -2.19 16.91 1.27
N ASP A 26 -1.33 17.06 0.26
CA ASP A 26 -0.62 15.92 -0.33
C ASP A 26 0.73 15.70 0.32
N TYR A 27 1.35 16.81 0.74
CA TYR A 27 2.71 16.81 1.29
C TYR A 27 2.64 17.54 2.61
N SER A 28 2.41 16.80 3.69
CA SER A 28 2.00 17.42 4.96
C SER A 28 2.81 17.00 6.19
N VAL A 29 3.70 16.01 6.03
CA VAL A 29 4.57 15.52 7.10
C VAL A 29 6.00 15.38 6.54
N ALA A 30 6.98 15.80 7.34
CA ALA A 30 8.37 15.55 7.01
C ALA A 30 8.96 14.54 7.97
N SER A 31 10.01 13.86 7.54
CA SER A 31 10.72 12.92 8.40
C SER A 31 12.23 13.13 8.24
N ALA A 32 12.98 12.78 9.28
CA ALA A 32 14.44 12.82 9.23
C ALA A 32 14.98 11.58 9.93
N ALA A 33 16.00 10.98 9.34
CA ALA A 33 16.65 9.81 9.94
C ALA A 33 18.17 10.00 9.99
N LEU A 34 18.77 9.40 11.02
CA LEU A 34 20.21 9.42 11.22
C LEU A 34 20.80 8.08 10.82
N SER A 35 21.89 8.10 10.04
CA SER A 35 22.61 6.88 9.71
C SER A 35 23.76 6.66 10.69
N SER A 36 24.26 5.42 10.73
CA SER A 36 25.36 5.05 11.63
C SER A 36 26.58 5.96 11.49
N ASP A 37 26.80 6.45 10.27
CA ASP A 37 27.93 7.33 9.97
C ASP A 37 27.68 8.82 10.30
N GLY A 38 26.49 9.12 10.83
CA GLY A 38 26.18 10.47 11.26
C GLY A 38 25.46 11.36 10.27
N ARG A 39 25.25 10.87 9.04
CA ARG A 39 24.52 11.64 8.04
C ARG A 39 23.03 11.66 8.37
N ILE A 40 22.37 12.74 7.96
CA ILE A 40 20.93 12.86 8.14
C ILE A 40 20.25 12.92 6.78
N PHE A 41 19.12 12.22 6.68
CA PHE A 41 18.33 12.18 5.45
C PHE A 41 16.92 12.61 5.74
N THR A 42 16.34 13.40 4.86
CA THR A 42 14.99 13.90 5.07
C THR A 42 14.08 13.49 3.93
N GLY A 43 12.79 13.72 4.12
CA GLY A 43 11.80 13.44 3.08
C GLY A 43 10.47 13.97 3.54
N VAL A 44 9.50 13.99 2.62
N VAL A 44 9.51 14.10 2.62
CA VAL A 44 8.13 14.41 2.89
CA VAL A 44 8.12 14.35 3.03
C VAL A 44 7.17 13.36 2.32
C VAL A 44 7.26 13.24 2.47
N ASN A 45 6.04 13.13 2.98
CA ASN A 45 5.09 12.10 2.53
C ASN A 45 4.50 12.44 1.15
N VAL A 46 3.96 11.41 0.50
CA VAL A 46 3.25 11.58 -0.76
C VAL A 46 1.91 10.92 -0.56
N TYR A 47 0.86 11.71 -0.32
CA TYR A 47 -0.44 11.12 -0.03
C TYR A 47 -1.03 10.47 -1.27
N HIS A 48 -1.47 9.21 -1.13
CA HIS A 48 -2.28 8.60 -2.18
C HIS A 48 -3.05 7.43 -1.62
N PHE A 49 -4.30 7.29 -2.06
CA PHE A 49 -5.17 6.23 -1.52
C PHE A 49 -4.65 4.81 -1.77
N THR A 50 -3.80 4.65 -2.78
CA THR A 50 -3.19 3.34 -3.03
C THR A 50 -1.99 3.06 -2.10
N GLY A 51 -1.73 3.97 -1.16
CA GLY A 51 -0.64 3.83 -0.23
C GLY A 51 0.59 4.62 -0.62
N GLY A 52 0.39 5.85 -1.08
CA GLY A 52 1.54 6.74 -1.31
C GLY A 52 2.39 6.73 -0.06
N PRO A 53 3.72 6.77 -0.22
CA PRO A 53 4.59 6.57 0.94
C PRO A 53 4.45 7.65 2.03
N CYS A 54 4.51 7.18 3.27
CA CYS A 54 4.70 8.09 4.40
C CYS A 54 6.05 8.75 4.29
N ALA A 55 6.21 9.85 5.00
CA ALA A 55 7.50 10.57 5.00
C ALA A 55 8.64 9.65 5.37
N GLU A 56 8.40 8.77 6.34
CA GLU A 56 9.43 7.83 6.80
C GLU A 56 9.93 6.93 5.66
N LEU A 57 9.01 6.51 4.79
CA LEU A 57 9.41 5.63 3.70
C LEU A 57 10.17 6.38 2.62
N VAL A 58 9.79 7.64 2.39
CA VAL A 58 10.58 8.51 1.50
C VAL A 58 12.01 8.67 2.03
N VAL A 59 12.12 8.89 3.34
CA VAL A 59 13.44 8.93 3.99
C VAL A 59 14.21 7.62 3.76
N LEU A 60 13.57 6.47 3.93
CA LEU A 60 14.28 5.20 3.72
C LEU A 60 14.85 5.12 2.29
N GLY A 61 14.08 5.57 1.30
CA GLY A 61 14.54 5.50 -0.09
C GLY A 61 15.62 6.51 -0.38
N THR A 62 15.56 7.65 0.31
CA THR A 62 16.55 8.71 0.17
C THR A 62 17.88 8.29 0.77
N ALA A 63 17.83 7.71 1.96
CA ALA A 63 18.99 7.10 2.59
C ALA A 63 19.60 5.99 1.72
N ALA A 64 18.75 5.11 1.20
CA ALA A 64 19.23 4.01 0.35
C ALA A 64 19.90 4.58 -0.90
N ALA A 65 19.39 5.68 -1.44
CA ALA A 65 19.95 6.27 -2.65
C ALA A 65 21.35 6.81 -2.41
N ALA A 66 21.64 7.12 -1.15
CA ALA A 66 22.94 7.63 -0.74
C ALA A 66 23.84 6.53 -0.15
N ALA A 67 23.44 5.26 -0.31
CA ALA A 67 24.16 4.14 0.30
C ALA A 67 24.42 4.37 1.81
N ALA A 68 23.39 4.83 2.51
CA ALA A 68 23.54 5.21 3.92
C ALA A 68 23.82 4.04 4.86
N GLY A 69 23.41 2.84 4.45
CA GLY A 69 23.47 1.68 5.32
C GLY A 69 22.43 1.74 6.42
N ASN A 70 22.79 1.22 7.59
CA ASN A 70 21.86 1.13 8.72
C ASN A 70 21.48 2.49 9.28
N LEU A 71 20.18 2.67 9.52
CA LEU A 71 19.69 3.88 10.15
C LEU A 71 19.46 3.60 11.63
N THR A 72 19.79 4.58 12.47
CA THR A 72 19.74 4.39 13.91
C THR A 72 18.56 5.06 14.60
N CYS A 73 18.03 6.13 13.99
CA CYS A 73 16.92 6.85 14.60
C CYS A 73 16.15 7.59 13.51
N ILE A 74 14.85 7.74 13.73
CA ILE A 74 13.96 8.41 12.78
C ILE A 74 12.88 9.16 13.55
N VAL A 75 12.38 10.24 12.97
CA VAL A 75 11.27 11.01 13.53
C VAL A 75 10.43 11.59 12.39
N ALA A 76 9.17 11.88 12.70
CA ALA A 76 8.29 12.58 11.78
C ALA A 76 7.68 13.79 12.47
N ILE A 77 7.53 14.87 11.71
CA ILE A 77 6.99 16.13 12.23
C ILE A 77 5.87 16.56 11.29
N GLY A 78 4.70 16.84 11.86
CA GLY A 78 3.57 17.27 11.06
C GLY A 78 3.60 18.75 10.75
N ASN A 79 2.98 19.13 9.63
CA ASN A 79 2.84 20.54 9.28
C ASN A 79 1.92 21.26 10.25
N GLU A 80 1.84 22.58 10.05
CA GLU A 80 1.05 23.47 10.89
C GLU A 80 1.27 23.26 12.40
N ASN A 81 2.54 23.19 12.77
CA ASN A 81 2.94 23.12 14.17
C ASN A 81 2.39 21.93 14.94
N ARG A 82 2.19 20.81 14.25
CA ARG A 82 1.67 19.62 14.90
C ARG A 82 2.71 18.89 15.72
N GLY A 83 4.00 19.16 15.48
CA GLY A 83 5.07 18.52 16.22
C GLY A 83 5.24 17.03 15.90
N ILE A 84 5.88 16.32 16.83
CA ILE A 84 6.20 14.90 16.65
C ILE A 84 4.94 14.07 16.46
N LEU A 85 4.96 13.28 15.38
CA LEU A 85 3.94 12.26 15.13
C LEU A 85 4.64 10.90 15.13
N SER A 86 4.07 9.92 15.84
CA SER A 86 4.66 8.58 15.82
C SER A 86 4.51 7.97 14.45
N PRO A 87 5.42 7.06 14.09
CA PRO A 87 5.27 6.37 12.82
C PRO A 87 4.02 5.51 12.86
N CYS A 88 3.30 5.44 11.75
CA CYS A 88 2.14 4.57 11.66
C CYS A 88 2.55 3.10 11.62
N GLY A 89 1.54 2.23 11.72
CA GLY A 89 1.75 0.81 11.70
C GLY A 89 2.48 0.29 10.47
N ARG A 90 2.15 0.80 9.28
N ARG A 90 2.14 0.82 9.30
CA ARG A 90 2.86 0.30 8.10
CA ARG A 90 2.81 0.39 8.06
C ARG A 90 4.34 0.67 8.20
C ARG A 90 4.30 0.70 8.15
N CYS A 91 4.63 1.91 8.60
CA CYS A 91 6.02 2.35 8.72
C CYS A 91 6.75 1.52 9.74
N ARG A 92 6.09 1.20 10.86
CA ARG A 92 6.74 0.36 11.87
C ARG A 92 7.14 -0.99 11.29
N GLN A 93 6.27 -1.59 10.49
CA GLN A 93 6.59 -2.87 9.86
C GLN A 93 7.77 -2.78 8.90
N VAL A 94 7.78 -1.74 8.05
CA VAL A 94 8.86 -1.56 7.09
C VAL A 94 10.18 -1.29 7.83
N LEU A 95 10.11 -0.43 8.85
CA LEU A 95 11.30 -0.10 9.67
C LEU A 95 11.86 -1.32 10.37
N LEU A 96 10.99 -2.11 10.98
CA LEU A 96 11.44 -3.34 11.67
C LEU A 96 12.14 -4.29 10.70
N ASP A 97 11.54 -4.45 9.52
CA ASP A 97 12.03 -5.41 8.53
C ASP A 97 13.33 -4.96 7.87
N LEU A 98 13.46 -3.65 7.63
CA LEU A 98 14.62 -3.13 6.89
C LEU A 98 15.71 -2.51 7.76
N HIS A 99 15.35 -2.06 8.95
CA HIS A 99 16.29 -1.46 9.89
C HIS A 99 15.97 -1.90 11.30
N PRO A 100 16.16 -3.21 11.60
CA PRO A 100 15.72 -3.74 12.91
C PRO A 100 16.39 -3.05 14.10
N GLY A 101 17.55 -2.42 13.89
CA GLY A 101 18.25 -1.73 14.97
C GLY A 101 17.78 -0.29 15.21
N ILE A 102 16.80 0.15 14.43
CA ILE A 102 16.40 1.56 14.49
C ILE A 102 15.53 1.90 15.70
N LYS A 103 15.62 3.15 16.14
CA LYS A 103 14.69 3.71 17.11
C LYS A 103 13.83 4.75 16.39
N ALA A 104 12.61 4.96 16.89
CA ALA A 104 11.76 6.05 16.43
C ALA A 104 11.48 7.00 17.58
N ILE A 105 11.48 8.29 17.30
CA ILE A 105 11.17 9.30 18.31
C ILE A 105 9.65 9.47 18.40
N VAL A 106 9.12 9.29 19.60
CA VAL A 106 7.70 9.46 19.87
C VAL A 106 7.56 10.33 21.11
N LYS A 107 6.35 10.80 21.39
CA LYS A 107 6.11 11.50 22.63
C LYS A 107 5.79 10.51 23.73
N ASP A 108 6.50 10.62 24.85
CA ASP A 108 6.24 9.76 26.00
C ASP A 108 4.94 10.13 26.71
N SER A 109 4.63 9.42 27.80
CA SER A 109 3.39 9.62 28.55
C SER A 109 3.29 10.98 29.24
N ASP A 110 4.41 11.69 29.31
CA ASP A 110 4.45 13.06 29.82
C ASP A 110 4.58 14.09 28.71
N GLY A 111 4.52 13.63 27.46
CA GLY A 111 4.58 14.54 26.31
C GLY A 111 5.98 14.92 25.86
N GLN A 112 6.99 14.27 26.45
CA GLN A 112 8.38 14.56 26.12
C GLN A 112 8.93 13.59 25.06
N PRO A 113 9.77 14.10 24.14
CA PRO A 113 10.34 13.23 23.13
C PRO A 113 11.20 12.12 23.71
N THR A 114 11.03 10.91 23.19
CA THR A 114 11.78 9.74 23.61
C THR A 114 12.08 8.85 22.40
N ALA A 115 13.29 8.31 22.33
CA ALA A 115 13.66 7.41 21.25
C ALA A 115 13.41 5.98 21.68
N VAL A 116 12.51 5.31 20.96
CA VAL A 116 12.06 3.97 21.33
C VAL A 116 12.48 2.94 20.26
N GLY A 117 13.03 1.81 20.69
CA GLY A 117 13.35 0.71 19.78
C GLY A 117 12.14 0.28 18.98
N ILE A 118 12.35 0.05 17.69
CA ILE A 118 11.23 -0.26 16.78
C ILE A 118 10.37 -1.47 17.23
N ARG A 119 11.01 -2.49 17.81
N ARG A 119 11.03 -2.49 17.78
CA ARG A 119 10.28 -3.67 18.28
CA ARG A 119 10.35 -3.70 18.25
C ARG A 119 9.27 -3.29 19.36
C ARG A 119 9.34 -3.40 19.35
N GLU A 120 9.63 -2.34 20.22
N GLU A 120 9.64 -2.41 20.17
CA GLU A 120 8.74 -1.90 21.30
CA GLU A 120 8.73 -2.00 21.24
C GLU A 120 7.52 -1.17 20.76
C GLU A 120 7.47 -1.33 20.69
N LEU A 121 7.59 -0.74 19.51
CA LEU A 121 6.45 -0.13 18.84
C LEU A 121 5.56 -1.14 18.09
N LEU A 122 6.04 -2.38 17.98
CA LEU A 122 5.23 -3.49 17.46
C LEU A 122 5.30 -4.67 18.44
N PRO A 123 4.70 -4.48 19.64
CA PRO A 123 4.83 -5.50 20.68
C PRO A 123 3.94 -6.70 20.39
N SER A 124 4.15 -7.76 21.16
CA SER A 124 3.46 -9.02 20.93
C SER A 124 2.05 -8.97 21.47
N LEU B 3 -9.69 -18.20 26.04
CA LEU B 3 -10.26 -17.72 24.75
C LEU B 3 -11.73 -18.16 24.65
N SER B 4 -12.61 -17.23 24.28
CA SER B 4 -14.05 -17.51 24.21
C SER B 4 -14.38 -18.50 23.09
N GLN B 5 -15.52 -19.17 23.20
CA GLN B 5 -15.95 -20.14 22.19
C GLN B 5 -16.02 -19.51 20.81
N GLU B 6 -16.61 -18.31 20.74
CA GLU B 6 -16.79 -17.59 19.50
C GLU B 6 -15.45 -17.21 18.86
N GLU B 7 -14.51 -16.77 19.70
CA GLU B 7 -13.16 -16.46 19.25
C GLU B 7 -12.48 -17.71 18.69
N SER B 8 -12.66 -18.84 19.37
CA SER B 8 -12.09 -20.11 18.90
C SER B 8 -12.61 -20.50 17.53
N THR B 9 -13.88 -20.20 17.26
CA THR B 9 -14.46 -20.51 15.97
C THR B 9 -13.75 -19.76 14.84
N LEU B 10 -13.22 -18.57 15.14
CA LEU B 10 -12.47 -17.84 14.11
C LEU B 10 -11.22 -18.61 13.70
N ILE B 11 -10.54 -19.20 14.67
CA ILE B 11 -9.37 -20.00 14.36
C ILE B 11 -9.76 -21.19 13.48
N GLU B 12 -10.80 -21.93 13.87
N GLU B 12 -10.85 -21.86 13.84
CA GLU B 12 -11.21 -23.09 13.09
CA GLU B 12 -11.40 -22.98 13.06
C GLU B 12 -11.51 -22.69 11.65
C GLU B 12 -11.68 -22.59 11.62
N ARG B 13 -12.25 -21.60 11.49
N ARG B 13 -12.32 -21.44 11.43
CA ARG B 13 -12.68 -21.16 10.18
CA ARG B 13 -12.76 -21.05 10.11
C ARG B 13 -11.51 -20.77 9.29
C ARG B 13 -11.62 -20.61 9.22
N ALA B 14 -10.64 -19.89 9.79
CA ALA B 14 -9.49 -19.46 9.01
C ALA B 14 -8.59 -20.67 8.68
N THR B 15 -8.49 -21.61 9.60
CA THR B 15 -7.71 -22.84 9.35
C THR B 15 -8.36 -23.66 8.24
N ALA B 16 -9.68 -23.81 8.30
CA ALA B 16 -10.40 -24.49 7.23
C ALA B 16 -10.14 -23.82 5.88
N THR B 17 -10.24 -22.50 5.85
CA THR B 17 -10.07 -21.73 4.62
C THR B 17 -8.70 -21.98 3.98
N ILE B 18 -7.64 -21.84 4.77
CA ILE B 18 -6.30 -21.96 4.17
C ILE B 18 -6.03 -23.41 3.75
N ASN B 19 -6.69 -24.35 4.41
CA ASN B 19 -6.56 -25.77 4.03
C ASN B 19 -7.53 -26.21 2.95
N SER B 20 -8.24 -25.25 2.37
CA SER B 20 -9.23 -25.52 1.31
C SER B 20 -8.85 -24.87 -0.02
N ILE B 21 -7.62 -24.37 -0.11
CA ILE B 21 -7.15 -23.76 -1.35
C ILE B 21 -5.79 -24.34 -1.73
N PRO B 22 -5.48 -24.35 -3.04
CA PRO B 22 -4.16 -24.86 -3.43
C PRO B 22 -3.02 -24.11 -2.75
N ILE B 23 -1.93 -24.82 -2.46
CA ILE B 23 -0.73 -24.18 -1.92
C ILE B 23 -0.20 -23.17 -2.94
N SER B 24 -0.01 -21.94 -2.48
CA SER B 24 0.32 -20.82 -3.36
C SER B 24 1.23 -19.84 -2.64
N GLU B 25 2.12 -19.22 -3.40
CA GLU B 25 2.95 -18.11 -2.90
C GLU B 25 2.23 -16.77 -2.96
N ASP B 26 1.15 -16.70 -3.75
CA ASP B 26 0.33 -15.49 -3.85
C ASP B 26 -0.75 -15.44 -2.78
N TYR B 27 -1.25 -16.62 -2.40
CA TYR B 27 -2.41 -16.75 -1.53
C TYR B 27 -2.03 -17.76 -0.45
N SER B 28 -1.49 -17.25 0.65
CA SER B 28 -0.77 -18.11 1.61
C SER B 28 -1.20 -17.96 3.07
N VAL B 29 -2.09 -16.99 3.34
CA VAL B 29 -2.60 -16.75 4.69
C VAL B 29 -4.09 -16.52 4.60
N ALA B 30 -4.84 -17.13 5.52
CA ALA B 30 -6.28 -16.88 5.64
C ALA B 30 -6.57 -16.10 6.91
N SER B 31 -7.68 -15.37 6.91
CA SER B 31 -8.11 -14.65 8.11
C SER B 31 -9.61 -14.79 8.28
N ALA B 32 -10.06 -14.65 9.52
CA ALA B 32 -11.47 -14.65 9.83
C ALA B 32 -11.74 -13.64 10.93
N ALA B 33 -12.85 -12.91 10.80
CA ALA B 33 -13.29 -11.97 11.84
C ALA B 33 -14.73 -12.19 12.21
N LEU B 34 -15.04 -11.78 13.44
CA LEU B 34 -16.37 -11.89 14.02
C LEU B 34 -17.03 -10.51 14.08
N SER B 35 -18.28 -10.42 13.62
CA SER B 35 -19.06 -9.19 13.78
C SER B 35 -19.86 -9.22 15.08
N SER B 36 -20.25 -8.04 15.55
CA SER B 36 -21.11 -7.94 16.72
C SER B 36 -22.44 -8.65 16.43
N ASP B 37 -22.83 -8.70 15.16
CA ASP B 37 -24.05 -9.40 14.76
C ASP B 37 -23.93 -10.94 14.71
N GLY B 38 -22.76 -11.46 15.11
CA GLY B 38 -22.52 -12.90 15.23
C GLY B 38 -21.94 -13.59 14.01
N ARG B 39 -21.97 -12.89 12.88
CA ARG B 39 -21.46 -13.43 11.62
C ARG B 39 -19.94 -13.48 11.57
N ILE B 40 -19.44 -14.45 10.80
CA ILE B 40 -18.01 -14.60 10.55
C ILE B 40 -17.71 -14.32 9.08
N PHE B 41 -16.62 -13.59 8.83
CA PHE B 41 -16.18 -13.23 7.49
C PHE B 41 -14.77 -13.67 7.29
N THR B 42 -14.48 -14.23 6.12
CA THR B 42 -13.15 -14.77 5.86
C THR B 42 -12.50 -14.04 4.70
N GLY B 43 -11.26 -14.41 4.45
CA GLY B 43 -10.48 -13.84 3.35
C GLY B 43 -9.11 -14.49 3.31
N VAL B 44 -8.45 -14.41 2.16
N VAL B 44 -8.45 -14.31 2.17
CA VAL B 44 -7.03 -14.73 2.11
CA VAL B 44 -7.08 -14.78 1.95
C VAL B 44 -6.29 -13.54 1.57
C VAL B 44 -6.26 -13.61 1.39
N ASN B 45 -4.98 -13.54 1.77
CA ASN B 45 -4.12 -12.45 1.28
C ASN B 45 -3.96 -12.50 -0.23
N VAL B 46 -3.57 -11.36 -0.80
CA VAL B 46 -3.25 -11.26 -2.22
C VAL B 46 -1.87 -10.61 -2.30
N TYR B 47 -0.83 -11.41 -2.49
CA TYR B 47 0.53 -10.86 -2.49
C TYR B 47 0.79 -9.96 -3.69
N HIS B 48 1.29 -8.75 -3.42
CA HIS B 48 1.80 -7.92 -4.51
C HIS B 48 2.70 -6.82 -3.96
N PHE B 49 3.79 -6.56 -4.69
CA PHE B 49 4.79 -5.60 -4.22
C PHE B 49 4.25 -4.17 -4.04
N THR B 50 3.17 -3.84 -4.73
CA THR B 50 2.54 -2.53 -4.57
C THR B 50 1.68 -2.46 -3.32
N GLY B 51 1.64 -3.56 -2.56
CA GLY B 51 0.84 -3.63 -1.32
C GLY B 51 -0.47 -4.38 -1.46
N GLY B 52 -0.45 -5.49 -2.20
CA GLY B 52 -1.60 -6.40 -2.25
C GLY B 52 -2.06 -6.64 -0.82
N PRO B 53 -3.38 -6.70 -0.60
CA PRO B 53 -3.87 -6.74 0.80
C PRO B 53 -3.47 -7.99 1.58
N CYS B 54 -3.14 -7.80 2.85
CA CYS B 54 -3.10 -8.91 3.78
C CYS B 54 -4.47 -9.55 3.89
N ALA B 55 -4.49 -10.81 4.36
CA ALA B 55 -5.74 -11.51 4.55
C ALA B 55 -6.72 -10.73 5.41
N GLU B 56 -6.20 -10.08 6.45
CA GLU B 56 -7.02 -9.27 7.35
C GLU B 56 -7.78 -8.17 6.62
N LEU B 57 -7.11 -7.56 5.63
CA LEU B 57 -7.72 -6.45 4.90
C LEU B 57 -8.79 -6.94 3.93
N VAL B 58 -8.57 -8.12 3.34
CA VAL B 58 -9.60 -8.78 2.55
C VAL B 58 -10.84 -9.09 3.42
N VAL B 59 -10.61 -9.61 4.64
CA VAL B 59 -11.71 -9.80 5.61
C VAL B 59 -12.49 -8.49 5.84
N LEU B 60 -11.76 -7.38 6.03
CA LEU B 60 -12.43 -6.10 6.28
C LEU B 60 -13.37 -5.71 5.13
N GLY B 61 -12.94 -5.94 3.89
CA GLY B 61 -13.75 -5.59 2.73
C GLY B 61 -14.92 -6.55 2.53
N THR B 62 -14.74 -7.78 2.96
CA THR B 62 -15.75 -8.82 2.88
C THR B 62 -16.85 -8.54 3.91
N ALA B 63 -16.44 -8.20 5.13
CA ALA B 63 -17.38 -7.75 6.16
C ALA B 63 -18.14 -6.51 5.71
N ALA B 64 -17.43 -5.54 5.17
CA ALA B 64 -18.08 -4.32 4.72
C ALA B 64 -19.08 -4.58 3.59
N ALA B 65 -18.76 -5.53 2.70
CA ALA B 65 -19.68 -5.88 1.62
C ALA B 65 -20.99 -6.50 2.12
N ALA B 66 -20.95 -7.04 3.33
CA ALA B 66 -22.11 -7.66 3.98
C ALA B 66 -22.78 -6.73 4.98
N ALA B 67 -22.36 -5.47 5.01
CA ALA B 67 -22.87 -4.50 5.99
C ALA B 67 -22.75 -5.03 7.42
N ALA B 68 -21.59 -5.61 7.71
CA ALA B 68 -21.35 -6.27 9.00
C ALA B 68 -21.36 -5.31 10.19
N GLY B 69 -20.96 -4.07 9.95
CA GLY B 69 -20.71 -3.14 11.05
C GLY B 69 -19.42 -3.44 11.78
N ASN B 70 -19.46 -3.24 13.11
CA ASN B 70 -18.27 -3.37 13.94
C ASN B 70 -17.82 -4.80 14.15
N LEU B 71 -16.53 -5.00 13.94
CA LEU B 71 -15.92 -6.29 14.13
C LEU B 71 -15.29 -6.32 15.52
N THR B 72 -15.41 -7.47 16.19
CA THR B 72 -14.96 -7.55 17.57
C THR B 72 -13.68 -8.37 17.75
N CYS B 73 -13.38 -9.26 16.80
CA CYS B 73 -12.17 -10.08 16.90
C CYS B 73 -11.75 -10.55 15.51
N ILE B 74 -10.43 -10.71 15.32
CA ILE B 74 -9.88 -11.17 14.05
C ILE B 74 -8.71 -12.09 14.34
N VAL B 75 -8.45 -13.01 13.41
CA VAL B 75 -7.27 -13.89 13.49
C VAL B 75 -6.76 -14.16 12.07
N ALA B 76 -5.46 -14.43 11.96
CA ALA B 76 -4.87 -14.89 10.71
C ALA B 76 -4.17 -16.22 10.94
N ILE B 77 -4.32 -17.12 9.97
CA ILE B 77 -3.73 -18.46 10.02
C ILE B 77 -2.92 -18.69 8.77
N GLY B 78 -1.64 -19.04 8.94
CA GLY B 78 -0.76 -19.26 7.81
C GLY B 78 -0.85 -20.66 7.22
N ASN B 79 -0.50 -20.78 5.94
CA ASN B 79 -0.34 -22.07 5.31
C ASN B 79 0.92 -22.77 5.83
N GLU B 80 1.24 -23.93 5.25
CA GLU B 80 2.36 -24.76 5.73
C GLU B 80 2.22 -25.06 7.23
N ASN B 81 0.97 -25.18 7.70
CA ASN B 81 0.69 -25.49 9.10
C ASN B 81 1.37 -24.56 10.12
N ARG B 82 1.49 -23.29 9.75
CA ARG B 82 2.17 -22.32 10.61
C ARG B 82 1.35 -21.89 11.82
N GLY B 83 0.04 -22.09 11.76
CA GLY B 83 -0.84 -21.65 12.83
C GLY B 83 -1.04 -20.14 12.83
N ILE B 84 -1.23 -19.59 14.04
CA ILE B 84 -1.63 -18.20 14.22
C ILE B 84 -0.50 -17.24 13.89
N LEU B 85 -0.79 -16.23 13.08
CA LEU B 85 0.17 -15.20 12.73
C LEU B 85 -0.38 -13.87 13.20
N SER B 86 0.42 -13.12 13.96
N SER B 86 0.40 -13.13 13.98
CA SER B 86 0.01 -11.80 14.41
CA SER B 86 -0.04 -11.82 14.46
C SER B 86 -0.15 -10.86 13.23
C SER B 86 -0.10 -10.82 13.31
N PRO B 87 -1.11 -9.93 13.32
CA PRO B 87 -1.25 -8.97 12.21
C PRO B 87 -0.01 -8.07 12.09
N CYS B 88 0.38 -7.79 10.86
CA CYS B 88 1.52 -6.92 10.60
C CYS B 88 1.20 -5.49 10.98
N GLY B 89 2.24 -4.64 10.98
CA GLY B 89 2.06 -3.23 11.31
C GLY B 89 1.01 -2.53 10.46
N ARG B 90 1.00 -2.81 9.15
N ARG B 90 0.98 -2.79 9.15
CA ARG B 90 0.01 -2.19 8.27
CA ARG B 90 -0.04 -2.10 8.33
C ARG B 90 -1.40 -2.55 8.72
C ARG B 90 -1.44 -2.52 8.76
N CYS B 91 -1.64 -3.82 8.96
CA CYS B 91 -2.95 -4.29 9.40
C CYS B 91 -3.33 -3.72 10.75
N ARG B 92 -2.37 -3.64 11.67
CA ARG B 92 -2.65 -3.04 12.98
C ARG B 92 -3.20 -1.63 12.82
N GLN B 93 -2.59 -0.85 11.93
CA GLN B 93 -3.06 0.52 11.71
C GLN B 93 -4.45 0.58 11.10
N VAL B 94 -4.70 -0.23 10.08
CA VAL B 94 -6.01 -0.22 9.43
C VAL B 94 -7.09 -0.70 10.39
N LEU B 95 -6.78 -1.76 11.14
CA LEU B 95 -7.71 -2.30 12.15
C LEU B 95 -8.04 -1.29 13.24
N LEU B 96 -7.01 -0.63 13.77
CA LEU B 96 -7.25 0.41 14.79
C LEU B 96 -8.10 1.54 14.21
N ASP B 97 -7.82 1.94 12.98
CA ASP B 97 -8.51 3.10 12.41
C ASP B 97 -9.95 2.82 12.03
N LEU B 98 -10.24 1.59 11.61
CA LEU B 98 -11.56 1.23 11.12
C LEU B 98 -12.41 0.46 12.13
N HIS B 99 -11.74 -0.22 13.05
CA HIS B 99 -12.42 -1.02 14.08
C HIS B 99 -11.69 -0.89 15.40
N PRO B 100 -11.69 0.32 15.97
CA PRO B 100 -10.85 0.57 17.15
C PRO B 100 -11.11 -0.31 18.37
N GLY B 101 -12.30 -0.90 18.46
CA GLY B 101 -12.65 -1.82 19.55
C GLY B 101 -12.26 -3.27 19.32
N ILE B 102 -11.66 -3.57 18.17
CA ILE B 102 -11.39 -4.96 17.81
C ILE B 102 -10.24 -5.56 18.62
N LYS B 103 -10.30 -6.87 18.80
N LYS B 103 -10.30 -6.87 18.82
CA LYS B 103 -9.19 -7.66 19.34
CA LYS B 103 -9.19 -7.65 19.35
C LYS B 103 -8.56 -8.47 18.22
C LYS B 103 -8.58 -8.49 18.24
N ALA B 104 -7.29 -8.82 18.37
CA ALA B 104 -6.63 -9.75 17.46
C ALA B 104 -6.17 -10.95 18.25
N ILE B 105 -6.35 -12.15 17.70
CA ILE B 105 -5.85 -13.37 18.32
C ILE B 105 -4.38 -13.55 17.96
N VAL B 106 -3.55 -13.70 18.99
CA VAL B 106 -2.12 -13.88 18.80
C VAL B 106 -1.69 -15.05 19.69
N LYS B 107 -0.44 -15.49 19.53
CA LYS B 107 0.10 -16.50 20.42
C LYS B 107 0.73 -15.84 21.64
N ASP B 108 0.45 -16.40 22.82
CA ASP B 108 1.09 -15.93 24.04
C ASP B 108 2.47 -16.56 24.19
N SER B 109 3.13 -16.31 25.31
CA SER B 109 4.49 -16.80 25.60
C SER B 109 4.63 -18.31 25.43
N ASP B 110 3.58 -19.04 25.75
CA ASP B 110 3.58 -20.50 25.68
C ASP B 110 3.02 -21.01 24.35
N GLY B 111 2.88 -20.10 23.38
CA GLY B 111 2.40 -20.44 22.05
C GLY B 111 0.91 -20.74 21.96
N GLN B 112 0.17 -20.33 22.99
CA GLN B 112 -1.27 -20.59 23.06
C GLN B 112 -2.08 -19.35 22.64
N PRO B 113 -3.22 -19.57 21.97
CA PRO B 113 -4.04 -18.45 21.47
C PRO B 113 -4.58 -17.55 22.58
N THR B 114 -4.47 -16.24 22.35
CA THR B 114 -4.98 -15.24 23.28
C THR B 114 -5.48 -14.03 22.48
N ALA B 115 -6.59 -13.44 22.92
CA ALA B 115 -7.15 -12.27 22.23
C ALA B 115 -6.71 -11.00 22.93
N VAL B 116 -6.02 -10.13 22.19
N VAL B 116 -6.10 -10.09 22.15
CA VAL B 116 -5.57 -8.85 22.75
CA VAL B 116 -5.46 -8.86 22.63
C VAL B 116 -6.23 -7.68 22.03
C VAL B 116 -6.08 -7.62 21.97
N GLY B 117 -6.40 -6.59 22.74
CA GLY B 117 -6.98 -5.37 22.18
C GLY B 117 -6.04 -4.75 21.17
N ILE B 118 -6.59 -4.28 20.05
CA ILE B 118 -5.77 -3.71 18.98
C ILE B 118 -4.83 -2.60 19.46
N ARG B 119 -5.29 -1.78 20.41
CA ARG B 119 -4.44 -0.67 20.88
C ARG B 119 -3.18 -1.16 21.56
N GLU B 120 -3.24 -2.34 22.18
CA GLU B 120 -2.06 -2.97 22.80
C GLU B 120 -1.01 -3.35 21.77
N LEU B 121 -1.43 -3.53 20.52
CA LEU B 121 -0.51 -3.92 19.45
C LEU B 121 0.13 -2.72 18.74
N LEU B 122 -0.38 -1.52 19.05
CA LEU B 122 0.16 -0.27 18.49
C LEU B 122 0.28 0.81 19.57
N PRO B 123 1.28 0.68 20.45
CA PRO B 123 1.47 1.68 21.51
C PRO B 123 1.99 2.98 20.91
N SER B 124 1.87 4.08 21.66
CA SER B 124 2.32 5.40 21.19
C SER B 124 1.83 5.66 19.75
N GLY B 125 0.54 5.47 19.50
CA GLY B 125 -0.01 5.52 18.15
C GLY B 125 0.20 6.83 17.40
N TYR B 126 0.30 6.70 16.07
CA TYR B 126 0.19 7.83 15.16
C TYR B 126 -1.21 8.41 15.29
N VAL B 127 -1.28 9.66 15.76
CA VAL B 127 -2.56 10.37 15.94
C VAL B 127 -2.34 11.87 15.82
N TRP B 128 -3.37 12.59 15.41
CA TRP B 128 -3.37 14.05 15.46
C TRP B 128 -4.80 14.55 15.42
N LEU C 3 -22.07 -5.69 -24.74
CA LEU C 3 -21.80 -6.45 -23.49
C LEU C 3 -22.58 -7.77 -23.42
N SER C 4 -21.88 -8.84 -23.05
CA SER C 4 -22.49 -10.16 -22.93
C SER C 4 -23.38 -10.25 -21.69
N GLN C 5 -24.17 -11.32 -21.61
N GLN C 5 -24.18 -11.31 -21.61
CA GLN C 5 -25.05 -11.60 -20.47
CA GLN C 5 -25.05 -11.57 -20.46
C GLN C 5 -24.27 -11.57 -19.15
C GLN C 5 -24.31 -11.64 -19.13
N GLU C 6 -23.16 -12.31 -19.10
CA GLU C 6 -22.38 -12.45 -17.87
C GLU C 6 -21.75 -11.13 -17.45
N GLU C 7 -21.38 -10.31 -18.43
CA GLU C 7 -20.83 -8.99 -18.17
C GLU C 7 -21.89 -8.05 -17.58
N SER C 8 -23.07 -8.00 -18.18
CA SER C 8 -24.21 -7.30 -17.60
C SER C 8 -24.54 -7.80 -16.17
N THR C 9 -24.45 -9.11 -15.96
CA THR C 9 -24.75 -9.67 -14.64
C THR C 9 -23.75 -9.17 -13.58
N LEU C 10 -22.48 -9.08 -13.95
CA LEU C 10 -21.48 -8.56 -13.02
C LEU C 10 -21.80 -7.12 -12.62
N ILE C 11 -22.20 -6.29 -13.58
CA ILE C 11 -22.63 -4.93 -13.26
C ILE C 11 -23.79 -4.94 -12.27
N GLU C 12 -24.78 -5.81 -12.50
CA GLU C 12 -25.93 -5.88 -11.59
C GLU C 12 -25.50 -6.31 -10.19
N ARG C 13 -24.64 -7.32 -10.12
N ARG C 13 -24.65 -7.33 -10.11
CA ARG C 13 -24.20 -7.84 -8.83
CA ARG C 13 -24.20 -7.85 -8.83
C ARG C 13 -23.38 -6.83 -8.01
C ARG C 13 -23.40 -6.82 -8.03
N ALA C 14 -22.46 -6.14 -8.69
CA ALA C 14 -21.67 -5.09 -8.04
C ALA C 14 -22.55 -3.92 -7.59
N THR C 15 -23.50 -3.55 -8.44
CA THR C 15 -24.39 -2.44 -8.13
C THR C 15 -25.26 -2.78 -6.91
N ALA C 16 -25.84 -3.98 -6.90
CA ALA C 16 -26.66 -4.40 -5.77
C ALA C 16 -25.82 -4.41 -4.49
N THR C 17 -24.57 -4.86 -4.60
CA THR C 17 -23.69 -4.93 -3.44
C THR C 17 -23.47 -3.54 -2.83
N ILE C 18 -23.02 -2.58 -3.64
CA ILE C 18 -22.76 -1.27 -3.06
C ILE C 18 -24.03 -0.56 -2.58
N ASN C 19 -25.13 -0.76 -3.30
CA ASN C 19 -26.39 -0.12 -2.92
C ASN C 19 -27.01 -0.71 -1.65
N SER C 20 -26.51 -1.86 -1.20
CA SER C 20 -27.11 -2.57 -0.08
C SER C 20 -26.46 -2.25 1.28
N ILE C 21 -25.38 -1.49 1.25
CA ILE C 21 -24.67 -1.16 2.49
C ILE C 21 -24.86 0.33 2.84
N PRO C 22 -24.71 0.68 4.14
CA PRO C 22 -24.85 2.08 4.50
C PRO C 22 -23.85 2.95 3.74
N ILE C 23 -24.26 4.17 3.41
CA ILE C 23 -23.39 5.12 2.75
C ILE C 23 -22.21 5.39 3.68
N SER C 24 -20.99 5.26 3.12
CA SER C 24 -19.78 5.34 3.90
C SER C 24 -18.66 5.93 3.06
N GLU C 25 -17.79 6.71 3.69
CA GLU C 25 -16.59 7.22 3.05
C GLU C 25 -15.46 6.19 3.10
N ASP C 26 -15.61 5.16 3.93
CA ASP C 26 -14.60 4.11 4.04
C ASP C 26 -14.89 2.97 3.07
N TYR C 27 -16.17 2.74 2.82
CA TYR C 27 -16.66 1.60 2.03
C TYR C 27 -17.59 2.16 0.98
N SER C 28 -17.05 2.50 -0.19
CA SER C 28 -17.79 3.35 -1.14
C SER C 28 -17.86 2.82 -2.56
N VAL C 29 -17.16 1.71 -2.83
CA VAL C 29 -17.14 1.09 -4.14
C VAL C 29 -17.30 -0.42 -3.97
N ALA C 30 -18.11 -1.06 -4.80
CA ALA C 30 -18.15 -2.52 -4.84
C ALA C 30 -17.61 -3.02 -6.16
N SER C 31 -17.14 -4.27 -6.14
CA SER C 31 -16.66 -4.91 -7.35
C SER C 31 -17.22 -6.33 -7.41
N ALA C 32 -17.37 -6.86 -8.62
CA ALA C 32 -17.76 -8.26 -8.85
C ALA C 32 -16.90 -8.84 -9.96
N ALA C 33 -16.51 -10.10 -9.81
CA ALA C 33 -15.73 -10.81 -10.82
C ALA C 33 -16.27 -12.20 -11.03
N LEU C 34 -16.15 -12.66 -12.28
CA LEU C 34 -16.58 -14.00 -12.70
C LEU C 34 -15.38 -14.93 -12.79
N SER C 35 -15.53 -16.13 -12.23
CA SER C 35 -14.51 -17.15 -12.37
C SER C 35 -14.84 -18.13 -13.49
N SER C 36 -13.79 -18.71 -14.06
CA SER C 36 -13.95 -19.68 -15.14
C SER C 36 -14.67 -20.95 -14.66
N ASP C 37 -14.66 -21.19 -13.35
CA ASP C 37 -15.34 -22.37 -12.79
C ASP C 37 -16.79 -22.11 -12.37
N GLY C 38 -17.33 -20.95 -12.75
CA GLY C 38 -18.77 -20.74 -12.65
C GLY C 38 -19.26 -20.15 -11.34
N ARG C 39 -18.55 -19.15 -10.86
CA ARG C 39 -18.90 -18.47 -9.62
C ARG C 39 -18.67 -16.97 -9.78
N ILE C 40 -19.30 -16.20 -8.92
CA ILE C 40 -19.13 -14.75 -8.93
C ILE C 40 -18.76 -14.32 -7.53
N PHE C 41 -17.71 -13.48 -7.46
CA PHE C 41 -17.19 -13.01 -6.17
C PHE C 41 -17.32 -11.51 -6.08
N THR C 42 -17.72 -11.04 -4.91
CA THR C 42 -17.89 -9.60 -4.72
C THR C 42 -16.99 -9.11 -3.60
N GLY C 43 -16.97 -7.79 -3.45
CA GLY C 43 -16.19 -7.15 -2.41
C GLY C 43 -16.44 -5.67 -2.44
N VAL C 44 -16.12 -4.99 -1.34
N VAL C 44 -16.03 -4.99 -1.36
CA VAL C 44 -16.08 -3.53 -1.36
CA VAL C 44 -16.13 -3.54 -1.23
C VAL C 44 -14.70 -3.06 -0.92
C VAL C 44 -14.76 -3.02 -0.78
N ASN C 45 -14.39 -1.82 -1.23
CA ASN C 45 -13.09 -1.26 -0.89
C ASN C 45 -12.97 -1.00 0.60
N VAL C 46 -11.72 -0.86 1.06
CA VAL C 46 -11.44 -0.49 2.44
C VAL C 46 -10.49 0.68 2.34
N TYR C 47 -11.02 1.89 2.55
CA TYR C 47 -10.18 3.06 2.39
C TYR C 47 -9.15 3.18 3.50
N HIS C 48 -7.89 3.34 3.13
CA HIS C 48 -6.87 3.72 4.12
C HIS C 48 -5.67 4.33 3.45
N PHE C 49 -5.10 5.36 4.09
CA PHE C 49 -3.97 6.08 3.49
C PHE C 49 -2.73 5.21 3.23
N THR C 50 -2.61 4.11 3.98
CA THR C 50 -1.49 3.19 3.74
C THR C 50 -1.73 2.27 2.54
N GLY C 51 -2.84 2.47 1.85
CA GLY C 51 -3.22 1.64 0.71
C GLY C 51 -4.21 0.55 1.06
N GLY C 52 -5.24 0.89 1.83
CA GLY C 52 -6.35 -0.04 2.05
C GLY C 52 -6.84 -0.52 0.69
N PRO C 53 -7.21 -1.81 0.60
CA PRO C 53 -7.47 -2.36 -0.73
C PRO C 53 -8.66 -1.73 -1.45
N CYS C 54 -8.50 -1.54 -2.75
CA CYS C 54 -9.61 -1.25 -3.62
C CYS C 54 -10.59 -2.42 -3.63
N ALA C 55 -11.83 -2.14 -4.05
CA ALA C 55 -12.84 -3.21 -4.12
C ALA C 55 -12.32 -4.39 -4.95
N GLU C 56 -11.63 -4.09 -6.04
CA GLU C 56 -11.14 -5.14 -6.94
C GLU C 56 -10.19 -6.08 -6.21
N LEU C 57 -9.37 -5.53 -5.32
CA LEU C 57 -8.40 -6.36 -4.60
C LEU C 57 -9.08 -7.21 -3.51
N VAL C 58 -10.12 -6.65 -2.90
CA VAL C 58 -10.94 -7.44 -2.00
C VAL C 58 -11.58 -8.61 -2.77
N VAL C 59 -12.10 -8.36 -3.97
CA VAL C 59 -12.61 -9.42 -4.83
C VAL C 59 -11.54 -10.50 -5.08
N LEU C 60 -10.33 -10.08 -5.42
CA LEU C 60 -9.26 -11.05 -5.68
C LEU C 60 -8.98 -11.96 -4.50
N GLY C 61 -8.99 -11.42 -3.28
CA GLY C 61 -8.77 -12.22 -2.09
C GLY C 61 -9.95 -13.10 -1.72
N THR C 62 -11.15 -12.65 -2.09
CA THR C 62 -12.39 -13.40 -1.86
C THR C 62 -12.45 -14.60 -2.81
N ALA C 63 -12.12 -14.37 -4.07
CA ALA C 63 -12.02 -15.46 -5.03
C ALA C 63 -10.92 -16.46 -4.60
N ALA C 64 -9.77 -15.93 -4.17
CA ALA C 64 -8.68 -16.80 -3.74
C ALA C 64 -9.12 -17.66 -2.55
N ALA C 65 -9.90 -17.09 -1.63
CA ALA C 65 -10.37 -17.81 -0.44
C ALA C 65 -11.28 -18.98 -0.80
N ALA C 66 -11.89 -18.90 -1.97
CA ALA C 66 -12.81 -19.93 -2.45
C ALA C 66 -12.14 -20.84 -3.48
N ALA C 67 -10.83 -20.70 -3.65
CA ALA C 67 -10.08 -21.50 -4.64
C ALA C 67 -10.66 -21.31 -6.05
N ALA C 68 -10.99 -20.07 -6.36
CA ALA C 68 -11.66 -19.76 -7.64
C ALA C 68 -10.83 -19.94 -8.89
N GLY C 69 -9.51 -20.00 -8.75
CA GLY C 69 -8.62 -20.00 -9.91
C GLY C 69 -8.79 -18.75 -10.74
N ASN C 70 -8.88 -18.94 -12.06
CA ASN C 70 -8.88 -17.86 -13.03
C ASN C 70 -10.14 -17.01 -13.03
N LEU C 71 -9.95 -15.70 -12.91
CA LEU C 71 -11.03 -14.74 -13.08
C LEU C 71 -10.99 -14.20 -14.50
N THR C 72 -12.16 -14.12 -15.12
CA THR C 72 -12.24 -13.79 -16.54
C THR C 72 -12.79 -12.39 -16.81
N CYS C 73 -13.56 -11.84 -15.87
CA CYS C 73 -14.06 -10.48 -16.03
C CYS C 73 -14.30 -9.87 -14.66
N ILE C 74 -14.08 -8.55 -14.56
CA ILE C 74 -14.27 -7.80 -13.32
C ILE C 74 -14.86 -6.43 -13.65
N VAL C 75 -15.62 -5.89 -12.69
CA VAL C 75 -16.16 -4.54 -12.78
C VAL C 75 -16.20 -3.93 -11.38
N ALA C 76 -16.17 -2.60 -11.33
CA ALA C 76 -16.35 -1.84 -10.10
C ALA C 76 -17.45 -0.81 -10.30
N ILE C 77 -18.26 -0.63 -9.26
CA ILE C 77 -19.39 0.27 -9.28
C ILE C 77 -19.31 1.18 -8.05
N GLY C 78 -19.38 2.49 -8.30
CA GLY C 78 -19.34 3.46 -7.21
C GLY C 78 -20.67 3.63 -6.53
N ASN C 79 -20.64 4.01 -5.26
CA ASN C 79 -21.86 4.33 -4.52
C ASN C 79 -22.53 5.59 -5.08
N GLU C 80 -23.71 5.89 -4.54
CA GLU C 80 -24.47 7.07 -4.92
C GLU C 80 -24.69 7.17 -6.43
N ASN C 81 -25.00 6.02 -7.03
CA ASN C 81 -25.39 5.93 -8.44
C ASN C 81 -24.32 6.37 -9.42
N ARG C 82 -23.04 6.21 -9.06
CA ARG C 82 -21.96 6.65 -9.93
C ARG C 82 -21.70 5.72 -11.11
N GLY C 83 -22.19 4.50 -11.03
CA GLY C 83 -22.00 3.54 -12.11
C GLY C 83 -20.58 3.01 -12.20
N ILE C 84 -20.19 2.64 -13.42
CA ILE C 84 -18.93 1.96 -13.67
C ILE C 84 -17.73 2.86 -13.41
N LEU C 85 -16.80 2.36 -12.61
CA LEU C 85 -15.52 3.04 -12.39
C LEU C 85 -14.39 2.17 -12.91
N SER C 86 -13.51 2.74 -13.72
CA SER C 86 -12.37 1.98 -14.25
C SER C 86 -11.42 1.62 -13.12
N PRO C 87 -10.80 0.42 -13.17
CA PRO C 87 -9.84 0.09 -12.11
C PRO C 87 -8.69 1.09 -12.14
N CYS C 88 -8.20 1.45 -10.94
CA CYS C 88 -7.05 2.35 -10.83
C CYS C 88 -5.79 1.65 -11.30
N GLY C 89 -4.70 2.42 -11.43
CA GLY C 89 -3.45 1.87 -11.88
C GLY C 89 -2.92 0.73 -11.02
N ARG C 90 -3.05 0.82 -9.69
N ARG C 90 -3.08 0.85 -9.70
CA ARG C 90 -2.56 -0.30 -8.86
CA ARG C 90 -2.64 -0.21 -8.79
C ARG C 90 -3.37 -1.57 -9.14
C ARG C 90 -3.36 -1.52 -9.10
N CYS C 91 -4.69 -1.44 -9.22
CA CYS C 91 -5.52 -2.61 -9.55
C CYS C 91 -5.15 -3.18 -10.90
N ARG C 92 -4.94 -2.31 -11.88
CA ARG C 92 -4.55 -2.80 -13.21
C ARG C 92 -3.29 -3.64 -13.13
N GLN C 93 -2.32 -3.19 -12.35
CA GLN C 93 -1.06 -3.91 -12.19
C GLN C 93 -1.25 -5.26 -11.52
N VAL C 94 -1.99 -5.28 -10.41
CA VAL C 94 -2.25 -6.53 -9.69
C VAL C 94 -3.05 -7.51 -10.56
N LEU C 95 -4.06 -6.98 -11.27
CA LEU C 95 -4.87 -7.79 -12.18
C LEU C 95 -4.01 -8.38 -13.29
N LEU C 96 -3.16 -7.56 -13.91
CA LEU C 96 -2.29 -8.06 -14.97
C LEU C 96 -1.39 -9.18 -14.45
N ASP C 97 -0.85 -9.00 -13.24
CA ASP C 97 0.13 -9.92 -12.70
C ASP C 97 -0.49 -11.24 -12.22
N LEU C 98 -1.71 -11.17 -11.68
CA LEU C 98 -2.33 -12.35 -11.06
C LEU C 98 -3.41 -12.99 -11.92
N HIS C 99 -4.01 -12.22 -12.82
CA HIS C 99 -5.03 -12.76 -13.73
C HIS C 99 -4.84 -12.17 -15.13
N PRO C 100 -3.72 -12.51 -15.79
CA PRO C 100 -3.41 -11.87 -17.07
C PRO C 100 -4.47 -12.07 -18.16
N GLY C 101 -5.31 -13.08 -18.02
CA GLY C 101 -6.39 -13.30 -18.98
C GLY C 101 -7.68 -12.54 -18.73
N ILE C 102 -7.70 -11.73 -17.67
CA ILE C 102 -8.93 -11.06 -17.27
C ILE C 102 -9.29 -9.86 -18.18
N LYS C 103 -10.59 -9.59 -18.29
CA LYS C 103 -11.08 -8.33 -18.84
C LYS C 103 -11.66 -7.47 -17.72
N ALA C 104 -11.59 -6.16 -17.91
CA ALA C 104 -12.29 -5.24 -17.01
C ALA C 104 -13.35 -4.50 -17.78
N ILE C 105 -14.51 -4.32 -17.16
CA ILE C 105 -15.58 -3.51 -17.74
C ILE C 105 -15.35 -2.03 -17.43
N VAL C 106 -15.30 -1.23 -18.49
CA VAL C 106 -15.09 0.22 -18.38
C VAL C 106 -16.09 0.92 -19.28
N LYS C 107 -16.14 2.25 -19.19
CA LYS C 107 -17.00 3.03 -20.09
C LYS C 107 -16.23 3.35 -21.37
N ASP C 108 -16.90 3.21 -22.51
CA ASP C 108 -16.33 3.62 -23.79
C ASP C 108 -16.51 5.13 -23.97
N SER C 109 -16.18 5.63 -25.16
CA SER C 109 -16.28 7.07 -25.46
C SER C 109 -17.71 7.61 -25.38
N ASP C 110 -18.70 6.74 -25.57
CA ASP C 110 -20.11 7.12 -25.50
C ASP C 110 -20.70 6.99 -24.08
N GLY C 111 -19.89 6.49 -23.15
CA GLY C 111 -20.31 6.25 -21.77
C GLY C 111 -20.99 4.90 -21.57
N GLN C 112 -20.87 4.04 -22.57
CA GLN C 112 -21.49 2.71 -22.53
C GLN C 112 -20.49 1.64 -22.09
N PRO C 113 -20.98 0.59 -21.39
CA PRO C 113 -20.09 -0.45 -20.88
C PRO C 113 -19.37 -1.23 -21.98
N THR C 114 -18.08 -1.49 -21.77
CA THR C 114 -17.29 -2.29 -22.69
C THR C 114 -16.26 -3.11 -21.91
N ALA C 115 -16.10 -4.37 -22.27
CA ALA C 115 -15.13 -5.23 -21.62
C ALA C 115 -13.82 -5.24 -22.40
N VAL C 116 -12.75 -4.84 -21.73
CA VAL C 116 -11.45 -4.68 -22.37
C VAL C 116 -10.40 -5.56 -21.69
N GLY C 117 -9.51 -6.16 -22.49
CA GLY C 117 -8.40 -6.94 -21.94
C GLY C 117 -7.56 -6.09 -21.01
N ILE C 118 -7.12 -6.67 -19.90
CA ILE C 118 -6.34 -5.92 -18.91
C ILE C 118 -5.09 -5.25 -19.49
N ARG C 119 -4.46 -5.88 -20.48
CA ARG C 119 -3.27 -5.30 -21.11
C ARG C 119 -3.57 -3.98 -21.81
N GLU C 120 -4.77 -3.84 -22.37
CA GLU C 120 -5.19 -2.60 -23.03
C GLU C 120 -5.24 -1.44 -22.04
N LEU C 121 -5.37 -1.75 -20.76
CA LEU C 121 -5.45 -0.73 -19.71
C LEU C 121 -4.08 -0.36 -19.14
N LEU C 122 -3.05 -1.12 -19.49
CA LEU C 122 -1.68 -0.73 -19.17
C LEU C 122 -0.82 -0.77 -20.42
N PRO C 123 -1.07 0.15 -21.37
CA PRO C 123 -0.35 0.11 -22.65
C PRO C 123 1.10 0.55 -22.49
N SER C 124 1.93 0.18 -23.45
CA SER C 124 3.36 0.44 -23.39
C SER C 124 3.68 1.91 -23.62
N LEU D 3 13.35 12.18 -27.10
CA LEU D 3 13.39 12.99 -25.85
C LEU D 3 14.38 14.15 -25.95
N SER D 4 14.14 15.19 -25.14
CA SER D 4 15.04 16.34 -25.08
C SER D 4 16.35 15.94 -24.39
N GLN D 5 17.38 16.77 -24.56
CA GLN D 5 18.66 16.49 -23.89
C GLN D 5 18.53 16.64 -22.37
N GLU D 6 17.62 17.52 -21.94
CA GLU D 6 17.29 17.69 -20.54
C GLU D 6 16.70 16.38 -19.97
N GLU D 7 15.82 15.76 -20.74
CA GLU D 7 15.22 14.48 -20.37
C GLU D 7 16.24 13.34 -20.44
N SER D 8 17.16 13.41 -21.40
CA SER D 8 18.23 12.41 -21.53
C SER D 8 19.14 12.38 -20.30
N THR D 9 19.35 13.54 -19.68
CA THR D 9 20.13 13.65 -18.44
C THR D 9 19.52 12.85 -17.29
N LEU D 10 18.20 12.74 -17.26
CA LEU D 10 17.53 11.89 -16.25
C LEU D 10 18.00 10.44 -16.28
N ILE D 11 18.20 9.92 -17.49
CA ILE D 11 18.64 8.54 -17.64
C ILE D 11 20.03 8.38 -17.04
N GLU D 12 20.93 9.32 -17.37
CA GLU D 12 22.27 9.35 -16.83
C GLU D 12 22.27 9.39 -15.30
N ARG D 13 21.44 10.26 -14.75
CA ARG D 13 21.41 10.46 -13.30
C ARG D 13 20.85 9.25 -12.56
N ALA D 14 19.77 8.68 -13.07
CA ALA D 14 19.17 7.50 -12.44
C ALA D 14 20.10 6.30 -12.52
N THR D 15 20.77 6.16 -13.66
CA THR D 15 21.73 5.08 -13.85
C THR D 15 22.89 5.21 -12.88
N ALA D 16 23.43 6.42 -12.76
CA ALA D 16 24.53 6.67 -11.82
C ALA D 16 24.11 6.37 -10.40
N THR D 17 22.89 6.76 -10.04
CA THR D 17 22.38 6.53 -8.69
C THR D 17 22.33 5.03 -8.37
N ILE D 18 21.63 4.25 -9.20
CA ILE D 18 21.51 2.81 -8.89
C ILE D 18 22.86 2.09 -8.94
N ASN D 19 23.73 2.48 -9.87
CA ASN D 19 25.04 1.84 -9.96
C ASN D 19 25.97 2.20 -8.80
N SER D 20 25.66 3.27 -8.07
CA SER D 20 26.51 3.75 -6.96
C SER D 20 26.25 3.08 -5.61
N ILE D 21 25.19 2.27 -5.50
CA ILE D 21 24.83 1.68 -4.21
C ILE D 21 25.07 0.17 -4.20
N PRO D 22 25.26 -0.43 -3.01
CA PRO D 22 25.45 -1.88 -2.96
C PRO D 22 24.30 -2.66 -3.60
N ILE D 23 24.64 -3.75 -4.28
CA ILE D 23 23.62 -4.60 -4.88
C ILE D 23 22.71 -5.13 -3.78
N SER D 24 21.41 -4.89 -3.95
CA SER D 24 20.41 -5.20 -2.91
C SER D 24 19.11 -5.67 -3.54
N GLU D 25 18.44 -6.59 -2.86
CA GLU D 25 17.08 -7.00 -3.24
C GLU D 25 16.01 -6.05 -2.68
N ASP D 26 16.40 -5.22 -1.71
CA ASP D 26 15.50 -4.22 -1.11
C ASP D 26 15.51 -2.89 -1.86
N TYR D 27 16.69 -2.56 -2.40
CA TYR D 27 16.97 -1.28 -3.05
C TYR D 27 17.60 -1.59 -4.40
N SER D 28 16.77 -1.71 -5.43
CA SER D 28 17.18 -2.32 -6.71
C SER D 28 16.85 -1.49 -7.96
N VAL D 29 16.15 -0.38 -7.77
CA VAL D 29 15.77 0.52 -8.87
C VAL D 29 15.98 1.95 -8.41
N ALA D 30 16.57 2.78 -9.28
CA ALA D 30 16.62 4.22 -9.05
C ALA D 30 15.70 4.94 -10.03
N SER D 31 15.29 6.15 -9.65
CA SER D 31 14.48 7.00 -10.51
C SER D 31 15.03 8.42 -10.45
N ALA D 32 14.79 9.17 -11.52
CA ALA D 32 15.13 10.59 -11.52
C ALA D 32 14.02 11.33 -12.22
N ALA D 33 13.68 12.50 -11.68
CA ALA D 33 12.65 13.34 -12.28
C ALA D 33 13.14 14.76 -12.45
N LEU D 34 12.58 15.41 -13.47
CA LEU D 34 12.90 16.79 -13.81
C LEU D 34 11.74 17.66 -13.38
N SER D 35 12.06 18.72 -12.65
N SER D 35 12.05 18.73 -12.63
CA SER D 35 11.07 19.72 -12.26
CA SER D 35 11.02 19.69 -12.26
C SER D 35 10.90 20.78 -13.35
C SER D 35 10.89 20.76 -13.35
N SER D 36 9.74 21.44 -13.36
CA SER D 36 9.49 22.51 -14.34
C SER D 36 10.54 23.63 -14.22
N ASP D 37 11.11 23.83 -13.04
CA ASP D 37 12.16 24.86 -12.90
C ASP D 37 13.58 24.40 -13.21
N GLY D 38 13.75 23.15 -13.65
CA GLY D 38 15.02 22.69 -14.16
C GLY D 38 15.83 21.80 -13.23
N ARG D 39 15.38 21.62 -11.99
CA ARG D 39 16.11 20.76 -11.05
C ARG D 39 15.81 19.29 -11.27
N ILE D 40 16.76 18.45 -10.86
CA ILE D 40 16.62 17.00 -10.93
C ILE D 40 16.60 16.42 -9.52
N PHE D 41 15.68 15.48 -9.31
CA PHE D 41 15.54 14.78 -8.04
C PHE D 41 15.65 13.28 -8.25
N THR D 42 16.36 12.61 -7.37
CA THR D 42 16.57 11.17 -7.49
C THR D 42 16.03 10.42 -6.27
N GLY D 43 16.00 9.10 -6.37
CA GLY D 43 15.53 8.24 -5.29
C GLY D 43 15.71 6.79 -5.69
N VAL D 44 15.59 5.90 -4.71
N VAL D 44 15.68 5.89 -4.72
CA VAL D 44 15.70 4.46 -4.90
CA VAL D 44 15.62 4.46 -5.02
C VAL D 44 14.48 3.79 -4.24
C VAL D 44 14.39 3.86 -4.35
N ASN D 45 14.00 2.69 -4.82
CA ASN D 45 12.83 1.99 -4.26
C ASN D 45 13.13 1.40 -2.88
N VAL D 46 12.05 1.10 -2.15
CA VAL D 46 12.12 0.45 -0.86
C VAL D 46 11.15 -0.72 -0.93
N TYR D 47 11.66 -1.92 -1.14
CA TYR D 47 10.79 -3.08 -1.29
C TYR D 47 10.12 -3.43 0.01
N HIS D 48 8.79 -3.59 -0.03
CA HIS D 48 8.09 -4.20 1.11
C HIS D 48 6.73 -4.72 0.67
N PHE D 49 6.35 -5.89 1.19
CA PHE D 49 5.08 -6.52 0.80
C PHE D 49 3.84 -5.65 1.08
N THR D 50 3.94 -4.75 2.05
CA THR D 50 2.81 -3.84 2.35
C THR D 50 2.73 -2.67 1.37
N GLY D 51 3.62 -2.64 0.38
CA GLY D 51 3.62 -1.58 -0.63
C GLY D 51 4.71 -0.56 -0.41
N GLY D 52 5.89 -1.02 -0.03
CA GLY D 52 7.04 -0.12 0.06
C GLY D 52 7.16 0.65 -1.25
N PRO D 53 7.54 1.94 -1.19
CA PRO D 53 7.44 2.76 -2.40
C PRO D 53 8.36 2.32 -3.55
N CYS D 54 7.83 2.38 -4.76
CA CYS D 54 8.67 2.33 -5.94
C CYS D 54 9.64 3.52 -5.94
N ALA D 55 10.73 3.40 -6.70
CA ALA D 55 11.69 4.49 -6.82
C ALA D 55 11.02 5.80 -7.22
N GLU D 56 10.07 5.73 -8.14
CA GLU D 56 9.33 6.90 -8.60
C GLU D 56 8.64 7.64 -7.47
N LEU D 57 8.09 6.89 -6.51
CA LEU D 57 7.36 7.52 -5.42
C LEU D 57 8.30 8.16 -4.41
N VAL D 58 9.48 7.57 -4.22
CA VAL D 58 10.53 8.20 -3.41
C VAL D 58 10.96 9.51 -4.05
N VAL D 59 11.12 9.51 -5.37
CA VAL D 59 11.43 10.74 -6.10
C VAL D 59 10.34 11.80 -5.88
N LEU D 60 9.07 11.40 -5.95
CA LEU D 60 8.00 12.37 -5.70
C LEU D 60 8.12 13.03 -4.32
N GLY D 61 8.50 12.25 -3.30
CA GLY D 61 8.60 12.78 -1.94
C GLY D 61 9.84 13.65 -1.77
N THR D 62 10.87 13.31 -2.51
CA THR D 62 12.13 14.05 -2.50
C THR D 62 11.94 15.41 -3.16
N ALA D 63 11.28 15.42 -4.32
CA ALA D 63 10.91 16.66 -5.00
C ALA D 63 10.02 17.53 -4.10
N ALA D 64 9.03 16.92 -3.46
CA ALA D 64 8.10 17.66 -2.61
C ALA D 64 8.83 18.27 -1.41
N ALA D 65 9.82 17.54 -0.88
CA ALA D 65 10.65 18.05 0.24
C ALA D 65 11.46 19.29 -0.15
N ALA D 66 11.69 19.45 -1.44
CA ALA D 66 12.43 20.61 -1.98
C ALA D 66 11.51 21.68 -2.57
N ALA D 67 10.20 21.55 -2.32
CA ALA D 67 9.21 22.49 -2.86
C ALA D 67 9.39 22.59 -4.39
N ALA D 68 9.59 21.44 -5.02
CA ALA D 68 9.91 21.40 -6.45
C ALA D 68 8.76 21.81 -7.37
N GLY D 69 7.53 21.73 -6.86
CA GLY D 69 6.35 21.97 -7.69
C GLY D 69 6.18 20.89 -8.75
N ASN D 70 5.73 21.30 -9.94
CA ASN D 70 5.44 20.37 -11.03
C ASN D 70 6.67 19.60 -11.48
N LEU D 71 6.51 18.29 -11.66
CA LEU D 71 7.52 17.47 -12.34
C LEU D 71 7.07 17.22 -13.76
N THR D 72 7.99 17.38 -14.71
CA THR D 72 7.64 17.31 -16.14
C THR D 72 8.06 16.00 -16.80
N CYS D 73 9.06 15.32 -16.22
CA CYS D 73 9.50 14.04 -16.77
C CYS D 73 10.11 13.17 -15.69
N ILE D 74 9.95 11.85 -15.84
CA ILE D 74 10.48 10.89 -14.88
C ILE D 74 10.97 9.65 -15.62
N VAL D 75 11.99 8.98 -15.05
CA VAL D 75 12.48 7.70 -15.56
C VAL D 75 12.89 6.81 -14.38
N ALA D 76 12.83 5.51 -14.58
CA ALA D 76 13.37 4.54 -13.64
C ALA D 76 14.38 3.64 -14.35
N ILE D 77 15.44 3.31 -13.63
CA ILE D 77 16.53 2.46 -14.15
C ILE D 77 16.78 1.33 -13.17
N GLY D 78 16.72 0.10 -13.66
CA GLY D 78 17.00 -1.06 -12.82
C GLY D 78 18.48 -1.32 -12.60
N ASN D 79 18.80 -1.97 -11.48
CA ASN D 79 20.16 -2.41 -11.21
C ASN D 79 20.57 -3.52 -12.16
N GLU D 80 21.81 -3.99 -12.00
CA GLU D 80 22.39 -5.04 -12.84
C GLU D 80 22.25 -4.70 -14.33
N ASN D 81 22.46 -3.42 -14.66
CA ASN D 81 22.45 -2.92 -16.04
C ASN D 81 21.17 -3.24 -16.82
N ARG D 82 20.03 -3.18 -16.14
CA ARG D 82 18.74 -3.49 -16.77
C ARG D 82 18.17 -2.38 -17.63
N GLY D 83 18.68 -1.15 -17.44
CA GLY D 83 18.21 -0.03 -18.22
C GLY D 83 16.82 0.44 -17.80
N ILE D 84 16.14 1.08 -18.74
CA ILE D 84 14.85 1.75 -18.49
C ILE D 84 13.75 0.74 -18.16
N LEU D 85 13.05 0.99 -17.06
CA LEU D 85 11.90 0.19 -16.67
C LEU D 85 10.68 1.10 -16.64
N SER D 86 9.62 0.72 -17.33
CA SER D 86 8.39 1.50 -17.34
C SER D 86 7.77 1.53 -15.95
N PRO D 87 7.17 2.67 -15.55
CA PRO D 87 6.55 2.71 -14.22
C PRO D 87 5.42 1.69 -14.13
N CYS D 88 5.27 1.06 -12.98
CA CYS D 88 4.18 0.11 -12.74
C CYS D 88 2.83 0.85 -12.70
N GLY D 89 1.75 0.09 -12.69
CA GLY D 89 0.42 0.68 -12.63
C GLY D 89 0.17 1.56 -11.42
N ARG D 90 0.70 1.17 -10.26
N ARG D 90 0.68 1.19 -10.24
CA ARG D 90 0.54 1.97 -9.07
CA ARG D 90 0.46 2.06 -9.08
C ARG D 90 1.17 3.35 -9.28
C ARG D 90 1.17 3.39 -9.27
N CYS D 91 2.40 3.35 -9.78
CA CYS D 91 3.11 4.61 -10.07
C CYS D 91 2.40 5.44 -11.12
N ARG D 92 1.89 4.79 -12.17
CA ARG D 92 1.15 5.51 -13.19
C ARG D 92 -0.03 6.27 -12.58
N GLN D 93 -0.75 5.62 -11.66
CA GLN D 93 -1.85 6.26 -11.00
C GLN D 93 -1.43 7.44 -10.12
N VAL D 94 -0.41 7.24 -9.30
CA VAL D 94 0.05 8.32 -8.42
C VAL D 94 0.59 9.51 -9.25
N LEU D 95 1.32 9.19 -10.31
CA LEU D 95 1.87 10.22 -11.20
C LEU D 95 0.76 11.01 -11.90
N LEU D 96 -0.24 10.31 -12.43
CA LEU D 96 -1.38 10.99 -13.05
C LEU D 96 -2.07 11.91 -12.06
N ASP D 97 -2.26 11.43 -10.83
CA ASP D 97 -3.01 12.17 -9.84
C ASP D 97 -2.26 13.38 -9.27
N LEU D 98 -0.96 13.24 -9.06
CA LEU D 98 -0.18 14.31 -8.44
C LEU D 98 0.59 15.19 -9.40
N HIS D 99 0.89 14.66 -10.58
CA HIS D 99 1.58 15.43 -11.64
C HIS D 99 0.98 15.12 -13.00
N PRO D 100 -0.28 15.55 -13.24
CA PRO D 100 -0.97 15.19 -14.48
C PRO D 100 -0.24 15.63 -15.76
N GLY D 101 0.62 16.64 -15.66
CA GLY D 101 1.39 17.10 -16.82
C GLY D 101 2.67 16.33 -17.11
N ILE D 102 2.94 15.30 -16.32
CA ILE D 102 4.21 14.59 -16.40
C ILE D 102 4.30 13.62 -17.59
N LYS D 103 5.53 13.43 -18.07
CA LYS D 103 5.88 12.37 -19.01
C LYS D 103 6.73 11.32 -18.32
N ALA D 104 6.61 10.09 -18.79
CA ALA D 104 7.50 9.02 -18.34
C ALA D 104 8.36 8.55 -19.49
N ILE D 105 9.64 8.31 -19.22
CA ILE D 105 10.55 7.77 -20.23
C ILE D 105 10.40 6.25 -20.25
N VAL D 106 10.08 5.71 -21.41
CA VAL D 106 9.92 4.27 -21.60
C VAL D 106 10.70 3.86 -22.84
N LYS D 107 10.83 2.56 -23.06
CA LYS D 107 11.47 2.07 -24.29
C LYS D 107 10.44 2.03 -25.40
N ASP D 108 10.81 2.54 -26.58
CA ASP D 108 9.94 2.43 -27.76
C ASP D 108 10.03 1.04 -28.37
N SER D 109 9.39 0.84 -29.52
CA SER D 109 9.37 -0.48 -30.17
C SER D 109 10.75 -1.01 -30.54
N ASP D 110 11.71 -0.11 -30.68
CA ASP D 110 13.09 -0.47 -31.03
C ASP D 110 14.05 -0.50 -29.83
N GLY D 111 13.49 -0.39 -28.62
CA GLY D 111 14.29 -0.39 -27.40
C GLY D 111 14.94 0.94 -27.08
N GLN D 112 14.49 1.99 -27.78
CA GLN D 112 15.06 3.33 -27.63
C GLN D 112 14.23 4.20 -26.71
N PRO D 113 14.88 5.09 -25.92
CA PRO D 113 14.15 5.93 -24.97
C PRO D 113 13.20 6.91 -25.65
N THR D 114 12.00 7.01 -25.10
CA THR D 114 11.01 7.98 -25.55
C THR D 114 10.18 8.46 -24.36
N ALA D 115 9.87 9.74 -24.32
CA ALA D 115 9.07 10.31 -23.24
C ALA D 115 7.62 10.43 -23.68
N VAL D 116 6.74 9.76 -22.95
CA VAL D 116 5.32 9.73 -23.28
C VAL D 116 4.47 10.30 -22.14
N GLY D 117 3.41 11.01 -22.49
CA GLY D 117 2.48 11.54 -21.50
C GLY D 117 1.93 10.44 -20.63
N ILE D 118 1.81 10.74 -19.33
CA ILE D 118 1.33 9.74 -18.38
C ILE D 118 -0.03 9.13 -18.77
N ARG D 119 -0.92 9.95 -19.34
CA ARG D 119 -2.25 9.45 -19.75
C ARG D 119 -2.16 8.35 -20.80
N GLU D 120 -1.13 8.41 -21.65
CA GLU D 120 -0.89 7.37 -22.67
C GLU D 120 -0.58 6.03 -22.03
N LEU D 121 -0.09 6.05 -20.79
CA LEU D 121 0.26 4.83 -20.08
C LEU D 121 -0.87 4.34 -19.19
N LEU D 122 -1.89 5.18 -19.04
CA LEU D 122 -3.01 4.88 -18.16
C LEU D 122 -4.31 5.48 -18.70
N PRO D 123 -4.85 4.88 -19.78
CA PRO D 123 -6.08 5.39 -20.39
C PRO D 123 -7.27 5.35 -19.43
ZN ZN E . 3.56 5.58 8.07
O7 BLO F . -4.16 12.69 6.68
C7 BLO F . -3.50 13.12 5.75
C8 BLO F . -4.07 14.06 4.69
C9 BLO F . -5.48 13.72 4.27
C10 BLO F . -5.83 14.59 3.06
C11 BLO F . -6.00 13.77 1.79
N12 BLO F . -5.93 14.64 0.61
C14 BLO F . -7.01 15.48 0.21
N15 BLO F . -8.17 15.45 0.86
N14 BLO F . -6.87 16.32 -0.82
C13 BLO F . -4.66 14.67 -0.16
N9 BLO F . -6.36 14.03 5.36
N6 BLO F . -2.22 12.83 5.56
C4' BLO F . -1.45 11.97 6.45
C3' BLO F . -0.79 10.78 5.74
C2' BLO F . 0.47 10.55 5.83
C5' BLO F . -0.28 12.84 6.96
C6' BLO F . -0.68 13.88 7.96
O3 BLO F . -0.81 15.04 7.54
O4 BLO F . -0.83 13.56 9.16
O5' BLO F . 0.67 12.02 7.63
C1' BLO F . 1.11 10.90 6.89
N1 BLO F . 1.95 10.07 7.54
C6 BLO F . 1.20 9.30 8.35
C5 BLO F . 1.78 8.33 9.13
C4 BLO F . 3.15 8.19 9.02
O1 BLO F . 3.75 7.21 9.70
N3 BLO F . 3.89 9.01 8.25
C2 BLO F . 3.30 9.96 7.48
O2 BLO F . 4.03 10.65 6.74
ZN ZN G . -0.89 -7.20 7.40
O7 BLO H . 5.76 -13.88 2.31
C7 BLO H . 4.81 -14.08 1.56
C8 BLO H . 5.01 -14.75 0.21
C9 BLO H . 6.37 -14.45 -0.38
C10 BLO H . 6.38 -14.85 -1.85
C11 BLO H . 6.18 -13.63 -2.73
N12 BLO H . 6.32 -13.96 -4.15
C14 BLO H . 5.23 -14.52 -4.88
N15 BLO H . 3.99 -14.26 -4.49
N14 BLO H . 5.44 -15.31 -5.94
C13 BLO H . 7.57 -13.60 -4.84
N9 BLO H . 7.36 -15.26 0.33
N6 BLO H . 3.55 -13.72 1.85
C4' BLO H . 3.19 -13.06 3.11
C3' BLO H . 2.47 -11.74 2.89
C2' BLO H . 1.30 -11.53 3.38
C5' BLO H . 2.18 -14.02 3.76
C6' BLO H . 2.84 -15.23 4.37
O3 BLO H . 2.77 -16.29 3.71
O4 BLO H . 3.37 -15.13 5.49
O5' BLO H . 1.54 -13.36 4.84
C1' BLO H . 0.98 -12.11 4.48
N1 BLO H . 0.38 -11.46 5.51
C6 BLO H . 1.34 -10.83 6.20
C5 BLO H . 1.05 -10.05 7.28
C4 BLO H . -0.30 -9.96 7.63
O1 BLO H . -0.65 -9.18 8.64
N3 BLO H . -1.25 -10.64 6.95
C2 BLO H . -0.93 -11.38 5.86
O2 BLO H . -1.86 -11.94 5.26
ZN ZN I . -7.68 0.24 -7.50
O7 BLO J . -12.12 8.62 -2.54
C7 BLO J . -12.54 7.79 -1.74
C8 BLO J . -13.07 8.21 -0.38
C9 BLO J . -12.42 9.49 0.10
C10 BLO J . -12.76 9.59 1.57
C11 BLO J . -11.53 9.27 2.43
N12 BLO J . -11.84 9.60 3.83
C14 BLO J . -12.02 8.57 4.77
N15 BLO J . -12.50 7.40 4.37
N14 BLO J . -11.70 8.74 6.06
C13 BLO J . -11.93 11.01 4.26
N9 BLO J . -13.04 10.60 -0.60
N6 BLO J . -12.58 6.49 -1.98
C4' BLO J . -12.14 5.88 -3.23
C3' BLO J . -11.01 4.87 -3.05
C2' BLO J . -11.15 3.67 -3.45
C5' BLO J . -13.37 5.12 -3.72
C6' BLO J . -14.42 6.01 -4.30
O3 BLO J . -15.40 6.30 -3.58
O4 BLO J . -14.28 6.41 -5.48
O5' BLO J . -12.99 4.25 -4.78
C1' BLO J . -11.84 3.45 -4.50
N1 BLO J . -11.39 2.65 -5.50
C6 BLO J . -10.61 3.38 -6.31
C5 BLO J . -9.98 2.81 -7.40
C4 BLO J . -10.22 1.47 -7.63
O1 BLO J . -9.63 0.85 -8.64
N3 BLO J . -11.06 0.76 -6.82
C2 BLO J . -11.64 1.33 -5.74
O2 BLO J . -12.39 0.64 -5.01
ZN ZN K . 5.73 1.55 -9.34
O7 BLO L . 11.28 -7.44 -7.58
C7 BLO L . 11.89 -6.78 -6.75
C8 BLO L . 12.74 -7.43 -5.67
C9 BLO L . 12.25 -8.84 -5.35
C10 BLO L . 12.85 -9.30 -4.04
C11 BLO L . 11.89 -8.94 -2.91
N12 BLO L . 12.31 -9.47 -1.61
C14 BLO L . 13.35 -8.86 -0.87
N15 BLO L . 13.47 -7.53 -0.92
N14 BLO L . 14.21 -9.58 -0.15
C13 BLO L . 11.59 -10.64 -1.06
N9 BLO L . 12.68 -9.71 -6.44
N6 BLO L . 11.85 -5.44 -6.73
C4' BLO L . 11.11 -4.63 -7.68
C3' BLO L . 10.07 -3.73 -7.01
C2' BLO L . 10.08 -2.46 -7.19
C5' BLO L . 12.14 -3.71 -8.32
C6' BLO L . 13.03 -4.41 -9.31
O3 BLO L . 14.16 -4.76 -8.94
O4 BLO L . 12.58 -4.57 -10.46
O5' BLO L . 11.50 -2.68 -9.06
C1' BLO L . 10.49 -1.99 -8.31
N1 BLO L . 9.79 -1.01 -8.97
C6 BLO L . 8.81 -1.59 -9.66
C5 BLO L . 7.92 -0.85 -10.41
C4 BLO L . 8.11 0.53 -10.41
O1 BLO L . 7.24 1.31 -11.05
N3 BLO L . 9.15 1.09 -9.74
C2 BLO L . 9.99 0.33 -9.00
O2 BLO L . 10.90 0.90 -8.36
#